data_3I1U
#
_entry.id   3I1U
#
_cell.length_a   42.319
_cell.length_b   57.504
_cell.length_c   57.080
_cell.angle_alpha   90.000
_cell.angle_beta   99.140
_cell.angle_gamma   90.000
#
_symmetry.space_group_name_H-M   'P 1 21 1'
#
loop_
_entity.id
_entity.type
_entity.pdbx_description
1 polymer 'Carboxypeptidase A1 (Pancreatic)'
2 non-polymer 'ZINC ION'
3 non-polymer '(2S,3R)-2-benzyl-3-sulfanylbutanoic acid'
4 non-polymer GLYCEROL
5 water water
#
_entity_poly.entity_id   1
_entity_poly.type   'polypeptide(L)'
_entity_poly.pdbx_seq_one_letter_code
;ARSTNTFNYATYHTLDEIYDFMDLLVAEHPQLVSKLQIGRSYEGRPIYVLKFSTGGSNRPAIWIDLGIHSREWITQATGV
WFAKKFTEDYGQDPSFTAILDSMDIFLEIVTNPDGFAFTHSQNRLWRKTRSVTSSSLCVGVDANRNWDAGFGKAGASSSP
CSETYHGKYANSEVEVKSIVDFVKDHGNFKAFLSIHSYSQLLLYPYGYTTQSIPDKTELNQVAKSAVAALKSLYGTSYKY
GSIITTIYQASGGSIDWSYNQGIKYSFTFELRDTGRYGFLLPASQIIPTAQETWLGVLTIMEHTVNNLY
;
_entity_poly.pdbx_strand_id   A
#
# COMPACT_ATOMS: atom_id res chain seq x y z
N SER A 3 -10.29 22.20 -6.10
CA SER A 3 -11.07 20.95 -6.30
C SER A 3 -10.13 19.85 -6.79
N THR A 4 -10.65 18.63 -6.92
CA THR A 4 -9.85 17.54 -7.49
C THR A 4 -9.63 17.73 -8.98
N ASN A 5 -10.33 18.72 -9.56
CA ASN A 5 -10.18 19.02 -10.98
C ASN A 5 -9.17 20.12 -11.25
N THR A 6 -8.76 20.83 -10.19
CA THR A 6 -7.69 21.82 -10.28
C THR A 6 -6.39 21.31 -9.63
N PHE A 7 -6.48 20.16 -8.98
CA PHE A 7 -5.36 19.53 -8.28
C PHE A 7 -4.27 19.10 -9.25
N ASN A 8 -3.02 19.33 -8.87
CA ASN A 8 -1.88 18.95 -9.70
C ASN A 8 -1.40 17.53 -9.37
N TYR A 9 -1.77 16.58 -10.22
CA TYR A 9 -1.41 15.17 -10.03
C TYR A 9 0.04 14.87 -10.44
N ALA A 10 0.69 15.83 -11.11
CA ALA A 10 2.05 15.64 -11.62
C ALA A 10 3.13 16.29 -10.74
N THR A 11 2.81 16.50 -9.46
CA THR A 11 3.78 17.01 -8.52
C THR A 11 3.60 16.31 -7.18
N TYR A 12 4.64 16.34 -6.35
CA TYR A 12 4.59 15.75 -5.02
C TYR A 12 3.95 16.70 -4.01
N HIS A 13 3.16 16.13 -3.10
CA HIS A 13 2.39 16.95 -2.16
C HIS A 13 2.75 16.69 -0.70
N THR A 14 2.33 17.63 0.14
CA THR A 14 2.45 17.52 1.59
C THR A 14 1.30 16.70 2.18
N LEU A 15 1.44 16.32 3.45
CA LEU A 15 0.36 15.61 4.14
C LEU A 15 -0.97 16.37 4.09
N ASP A 16 -0.92 17.66 4.44
CA ASP A 16 -2.13 18.48 4.46
C ASP A 16 -2.79 18.56 3.08
N GLU A 17 -1.99 18.68 2.03
CA GLU A 17 -2.53 18.73 0.67
C GLU A 17 -3.23 17.43 0.27
N ILE A 18 -2.69 16.29 0.71
CA ILE A 18 -3.30 15.00 0.42
C ILE A 18 -4.59 14.78 1.22
N TYR A 19 -4.57 15.16 2.50
CA TYR A 19 -5.77 15.09 3.32
C TYR A 19 -6.88 16.01 2.78
N ASP A 20 -6.50 17.21 2.35
CA ASP A 20 -7.44 18.13 1.70
C ASP A 20 -8.04 17.51 0.44
N PHE A 21 -7.19 16.86 -0.36
CA PHE A 21 -7.63 16.18 -1.57
C PHE A 21 -8.74 15.16 -1.24
N MET A 22 -8.55 14.39 -0.17
CA MET A 22 -9.57 13.41 0.24
C MET A 22 -10.91 14.10 0.49
N ASP A 23 -10.88 15.21 1.21
CA ASP A 23 -12.11 15.94 1.52
C ASP A 23 -12.78 16.47 0.25
N LEU A 24 -11.98 16.97 -0.69
CA LEU A 24 -12.52 17.48 -1.94
C LEU A 24 -13.20 16.38 -2.74
N LEU A 25 -12.57 15.20 -2.79
CA LEU A 25 -13.10 14.08 -3.55
C LEU A 25 -14.42 13.57 -2.96
N VAL A 26 -14.48 13.49 -1.63
CA VAL A 26 -15.70 13.09 -0.93
C VAL A 26 -16.83 14.11 -1.15
N ALA A 27 -16.50 15.40 -1.11
CA ALA A 27 -17.51 16.44 -1.37
C ALA A 27 -18.07 16.37 -2.80
N GLU A 28 -17.21 16.06 -3.76
CA GLU A 28 -17.57 15.96 -5.17
C GLU A 28 -18.35 14.70 -5.53
N HIS A 29 -18.04 13.60 -4.84
CA HIS A 29 -18.60 12.28 -5.17
C HIS A 29 -19.23 11.58 -3.96
N PRO A 30 -20.22 12.22 -3.32
CA PRO A 30 -20.76 11.64 -2.08
C PRO A 30 -21.43 10.27 -2.23
N GLN A 31 -21.90 9.94 -3.43
CA GLN A 31 -22.56 8.65 -3.66
C GLN A 31 -21.58 7.48 -3.88
N LEU A 32 -20.29 7.80 -3.97
CA LEU A 32 -19.27 6.80 -4.29
C LEU A 32 -18.15 6.69 -3.25
N VAL A 33 -17.78 7.82 -2.65
CA VAL A 33 -16.57 7.89 -1.82
C VAL A 33 -16.91 8.41 -0.42
N SER A 34 -16.42 7.72 0.60
CA SER A 34 -16.48 8.27 1.96
C SER A 34 -15.10 8.17 2.63
N LYS A 35 -14.89 8.99 3.64
CA LYS A 35 -13.63 9.06 4.36
C LYS A 35 -13.78 8.46 5.76
N LEU A 36 -13.04 7.40 6.02
CA LEU A 36 -13.08 6.72 7.31
C LEU A 36 -11.82 7.00 8.11
N GLN A 37 -11.98 7.19 9.41
CA GLN A 37 -10.83 7.30 10.29
C GLN A 37 -10.66 5.98 11.04
N ILE A 38 -9.55 5.28 10.79
CA ILE A 38 -9.38 3.94 11.37
C ILE A 38 -8.47 3.93 12.60
N GLY A 39 -7.93 5.09 12.96
CA GLY A 39 -7.08 5.20 14.14
C GLY A 39 -6.35 6.52 14.14
N ARG A 40 -5.42 6.66 15.09
CA ARG A 40 -4.54 7.82 15.17
C ARG A 40 -3.11 7.32 15.10
N SER A 41 -2.22 8.09 14.46
CA SER A 41 -0.80 7.76 14.46
C SER A 41 -0.19 7.93 15.86
N TYR A 42 1.05 7.48 16.02
CA TYR A 42 1.73 7.66 17.30
C TYR A 42 1.67 9.11 17.79
N GLU A 43 1.94 10.05 16.88
CA GLU A 43 1.99 11.47 17.21
C GLU A 43 0.61 12.15 17.17
N GLY A 44 -0.44 11.39 16.87
CA GLY A 44 -1.82 11.87 17.04
C GLY A 44 -2.51 12.37 15.80
N ARG A 45 -1.92 12.11 14.63
CA ARG A 45 -2.52 12.47 13.36
C ARG A 45 -3.60 11.45 13.00
N PRO A 46 -4.67 11.89 12.33
CA PRO A 46 -5.69 10.93 11.95
C PRO A 46 -5.17 9.99 10.85
N ILE A 47 -5.60 8.73 10.89
CA ILE A 47 -5.29 7.75 9.86
C ILE A 47 -6.57 7.55 9.03
N TYR A 48 -6.48 7.91 7.76
CA TYR A 48 -7.64 7.94 6.88
C TYR A 48 -7.64 6.88 5.79
N VAL A 49 -8.82 6.27 5.58
CA VAL A 49 -9.04 5.32 4.51
C VAL A 49 -10.21 5.82 3.66
N LEU A 50 -10.02 5.86 2.34
CA LEU A 50 -11.14 6.17 1.45
C LEU A 50 -11.87 4.87 1.08
N LYS A 51 -13.19 4.86 1.32
CA LYS A 51 -14.03 3.75 0.93
C LYS A 51 -14.75 4.10 -0.36
N PHE A 52 -14.53 3.28 -1.38
CA PHE A 52 -15.23 3.39 -2.66
C PHE A 52 -16.26 2.28 -2.73
N SER A 53 -17.54 2.64 -2.88
CA SER A 53 -18.63 1.67 -2.80
C SER A 53 -19.83 2.19 -3.55
N THR A 54 -20.53 1.27 -4.23
CA THR A 54 -21.79 1.59 -4.90
C THR A 54 -22.99 1.13 -4.08
N GLY A 55 -22.73 0.53 -2.92
CA GLY A 55 -23.81 0.05 -2.05
C GLY A 55 -23.53 -1.30 -1.42
N GLY A 56 -24.60 -2.07 -1.22
CA GLY A 56 -24.52 -3.37 -0.53
C GLY A 56 -24.23 -3.22 0.96
N SER A 57 -24.05 -4.34 1.63
CA SER A 57 -23.61 -4.34 3.02
C SER A 57 -22.52 -5.39 3.16
N ASN A 58 -21.39 -4.98 3.73
CA ASN A 58 -20.24 -5.85 3.93
C ASN A 58 -19.82 -6.57 2.63
N ARG A 59 -19.84 -5.85 1.52
CA ARG A 59 -19.46 -6.44 0.23
C ARG A 59 -18.03 -6.96 0.27
N PRO A 60 -17.73 -8.00 -0.53
CA PRO A 60 -16.34 -8.45 -0.69
C PRO A 60 -15.49 -7.24 -1.07
N ALA A 61 -14.28 -7.16 -0.50
CA ALA A 61 -13.50 -5.94 -0.57
C ALA A 61 -12.05 -6.13 -0.99
N ILE A 62 -11.51 -5.07 -1.59
CA ILE A 62 -10.09 -4.97 -1.93
C ILE A 62 -9.44 -3.93 -1.01
N TRP A 63 -8.38 -4.34 -0.31
CA TRP A 63 -7.58 -3.43 0.52
C TRP A 63 -6.36 -2.98 -0.28
N ILE A 64 -6.10 -1.68 -0.31
CA ILE A 64 -4.89 -1.13 -0.94
C ILE A 64 -4.27 -0.11 0.00
N ASP A 65 -3.02 -0.36 0.44
CA ASP A 65 -2.30 0.65 1.22
C ASP A 65 -1.05 1.14 0.50
N LEU A 66 -0.72 2.41 0.75
CA LEU A 66 0.44 3.07 0.14
C LEU A 66 1.14 3.88 1.24
N GLY A 67 2.43 4.14 1.05
CA GLY A 67 3.14 4.99 2.00
C GLY A 67 3.42 4.42 3.39
N ILE A 68 3.43 3.10 3.55
CA ILE A 68 3.79 2.55 4.85
C ILE A 68 5.24 2.92 5.20
N HIS A 69 6.08 3.03 4.17
CA HIS A 69 7.44 3.55 4.31
C HIS A 69 7.44 4.96 3.74
N SER A 70 7.64 5.94 4.61
CA SER A 70 7.32 7.34 4.28
C SER A 70 8.10 7.94 3.12
N ARG A 71 9.37 7.56 2.98
CA ARG A 71 10.25 8.11 1.93
C ARG A 71 9.89 7.67 0.51
N GLU A 72 9.00 6.68 0.39
CA GLU A 72 8.63 6.13 -0.92
C GLU A 72 7.54 6.99 -1.58
N TRP A 73 7.91 8.24 -1.87
CA TRP A 73 6.96 9.29 -2.27
C TRP A 73 6.13 8.97 -3.52
N ILE A 74 6.69 8.19 -4.44
CA ILE A 74 5.93 7.79 -5.62
C ILE A 74 4.65 7.05 -5.22
N THR A 75 4.66 6.40 -4.06
CA THR A 75 3.48 5.62 -3.64
C THR A 75 2.31 6.50 -3.21
N GLN A 76 2.53 7.48 -2.34
CA GLN A 76 1.42 8.35 -1.95
C GLN A 76 0.89 9.10 -3.17
N ALA A 77 1.78 9.52 -4.07
CA ALA A 77 1.39 10.23 -5.28
C ALA A 77 0.54 9.35 -6.21
N THR A 78 0.92 8.08 -6.32
CA THR A 78 0.14 7.11 -7.09
C THR A 78 -1.22 6.88 -6.44
N GLY A 79 -1.26 6.85 -5.10
CA GLY A 79 -2.51 6.68 -4.38
C GLY A 79 -3.54 7.77 -4.65
N VAL A 80 -3.08 9.02 -4.66
CA VAL A 80 -3.93 10.16 -5.00
C VAL A 80 -4.49 9.99 -6.43
N TRP A 81 -3.62 9.64 -7.37
CA TRP A 81 -4.04 9.42 -8.74
C TRP A 81 -5.07 8.29 -8.86
N PHE A 82 -4.84 7.17 -8.17
CA PHE A 82 -5.80 6.06 -8.12
C PHE A 82 -7.18 6.55 -7.67
N ALA A 83 -7.20 7.32 -6.58
CA ALA A 83 -8.47 7.77 -6.00
C ALA A 83 -9.30 8.55 -7.03
N LYS A 84 -8.65 9.47 -7.73
CA LYS A 84 -9.33 10.25 -8.75
C LYS A 84 -9.77 9.37 -9.92
N LYS A 85 -8.88 8.45 -10.35
CA LYS A 85 -9.17 7.53 -11.44
C LYS A 85 -10.41 6.68 -11.15
N PHE A 86 -10.54 6.18 -9.93
CA PHE A 86 -11.71 5.36 -9.58
C PHE A 86 -13.00 6.14 -9.87
N THR A 87 -13.04 7.41 -9.47
CA THR A 87 -14.23 8.24 -9.65
C THR A 87 -14.50 8.60 -11.11
N GLU A 88 -13.45 8.64 -11.93
CA GLU A 88 -13.60 8.92 -13.36
C GLU A 88 -14.10 7.70 -14.12
N ASP A 89 -13.62 6.52 -13.73
CA ASP A 89 -13.88 5.32 -14.52
C ASP A 89 -15.14 4.56 -14.13
N TYR A 90 -15.66 4.77 -12.92
CA TYR A 90 -16.90 4.08 -12.57
C TYR A 90 -18.04 4.62 -13.44
N GLY A 91 -18.68 3.72 -14.20
CA GLY A 91 -19.75 4.11 -15.12
C GLY A 91 -19.26 4.43 -16.52
N GLN A 92 -17.95 4.30 -16.72
CA GLN A 92 -17.32 4.59 -18.03
C GLN A 92 -16.53 3.39 -18.56
N ASP A 93 -15.60 2.87 -17.75
CA ASP A 93 -14.86 1.67 -18.11
C ASP A 93 -15.67 0.42 -17.73
N PRO A 94 -15.97 -0.44 -18.71
CA PRO A 94 -16.76 -1.65 -18.40
C PRO A 94 -16.18 -2.53 -17.29
N SER A 95 -14.87 -2.81 -17.35
CA SER A 95 -14.26 -3.69 -16.35
C SER A 95 -14.30 -3.10 -14.94
N PHE A 96 -13.87 -1.85 -14.80
CA PHE A 96 -13.87 -1.24 -13.47
C PHE A 96 -15.28 -1.07 -12.92
N THR A 97 -16.24 -0.78 -13.80
CA THR A 97 -17.64 -0.67 -13.41
C THR A 97 -18.12 -2.00 -12.82
N ALA A 98 -17.78 -3.11 -13.48
CA ALA A 98 -18.12 -4.44 -12.96
C ALA A 98 -17.50 -4.71 -11.59
N ILE A 99 -16.25 -4.28 -11.40
CA ILE A 99 -15.60 -4.45 -10.10
C ILE A 99 -16.33 -3.71 -8.97
N LEU A 100 -16.58 -2.42 -9.15
CA LEU A 100 -17.22 -1.62 -8.10
C LEU A 100 -18.70 -1.92 -7.94
N ASP A 101 -19.33 -2.53 -8.94
CA ASP A 101 -20.72 -3.01 -8.81
C ASP A 101 -20.81 -4.22 -7.88
N SER A 102 -19.72 -4.95 -7.71
CA SER A 102 -19.70 -6.18 -6.92
C SER A 102 -18.87 -6.11 -5.65
N MET A 103 -17.91 -5.18 -5.62
CA MET A 103 -16.92 -5.10 -4.54
C MET A 103 -16.72 -3.67 -4.09
N ASP A 104 -16.27 -3.52 -2.84
CA ASP A 104 -15.80 -2.24 -2.33
C ASP A 104 -14.27 -2.17 -2.40
N ILE A 105 -13.74 -0.96 -2.54
CA ILE A 105 -12.29 -0.75 -2.46
C ILE A 105 -11.97 0.19 -1.29
N PHE A 106 -11.03 -0.23 -0.46
CA PHE A 106 -10.56 0.59 0.66
C PHE A 106 -9.12 0.99 0.41
N LEU A 107 -8.91 2.30 0.27
CA LEU A 107 -7.63 2.85 -0.18
C LEU A 107 -7.03 3.72 0.93
N GLU A 108 -5.87 3.30 1.44
CA GLU A 108 -5.15 4.08 2.45
C GLU A 108 -3.92 4.71 1.80
N ILE A 109 -4.03 6.00 1.50
CA ILE A 109 -3.01 6.71 0.72
C ILE A 109 -1.74 6.99 1.52
N VAL A 110 -1.90 7.33 2.80
CA VAL A 110 -0.77 7.66 3.67
C VAL A 110 -0.78 6.78 4.92
N THR A 111 -0.19 5.60 4.80
CA THR A 111 -0.28 4.59 5.86
C THR A 111 0.56 4.97 7.10
N ASN A 112 1.56 5.82 6.90
CA ASN A 112 2.48 6.26 7.94
C ASN A 112 2.56 7.80 7.90
N PRO A 113 1.52 8.48 8.42
CA PRO A 113 1.49 9.95 8.32
C PRO A 113 2.58 10.68 9.11
N ASP A 114 3.01 10.12 10.26
CA ASP A 114 4.06 10.78 11.03
C ASP A 114 5.37 10.78 10.25
N GLY A 115 5.71 9.62 9.68
CA GLY A 115 6.88 9.52 8.85
C GLY A 115 6.78 10.46 7.64
N PHE A 116 5.60 10.53 7.03
CA PHE A 116 5.42 11.36 5.84
C PHE A 116 5.68 12.82 6.19
N ALA A 117 5.08 13.30 7.27
CA ALA A 117 5.34 14.67 7.70
C ALA A 117 6.84 14.89 7.93
N PHE A 118 7.51 13.92 8.53
CA PHE A 118 8.95 14.02 8.84
C PHE A 118 9.80 14.09 7.57
N THR A 119 9.36 13.40 6.51
CA THR A 119 10.09 13.48 5.23
C THR A 119 10.03 14.85 4.57
N HIS A 120 9.00 15.63 4.91
CA HIS A 120 8.87 17.01 4.45
C HIS A 120 9.58 18.01 5.37
N SER A 121 9.52 17.79 6.68
CA SER A 121 10.07 18.76 7.63
C SER A 121 11.53 18.58 8.00
N GLN A 122 12.05 17.34 7.97
CA GLN A 122 13.36 17.06 8.58
C GLN A 122 14.29 16.12 7.79
N ASN A 123 13.73 15.01 7.28
CA ASN A 123 14.57 13.95 6.72
C ASN A 123 13.84 13.24 5.59
N ARG A 124 14.19 13.61 4.36
CA ARG A 124 13.56 13.11 3.14
C ARG A 124 13.58 11.59 3.02
N LEU A 125 14.55 10.94 3.69
CA LEU A 125 14.71 9.50 3.55
C LEU A 125 14.22 8.70 4.76
N TRP A 126 13.42 9.32 5.62
CA TRP A 126 12.85 8.61 6.76
C TRP A 126 11.93 7.46 6.27
N ARG A 127 12.09 6.30 6.90
CA ARG A 127 11.39 5.06 6.53
C ARG A 127 10.34 4.62 7.57
N LYS A 128 10.73 4.70 8.84
CA LYS A 128 10.02 4.09 9.94
C LYS A 128 8.84 4.93 10.45
N THR A 129 8.14 4.41 11.45
CA THR A 129 7.20 5.22 12.21
C THR A 129 8.00 6.23 13.04
N ARG A 130 7.31 6.95 13.94
CA ARG A 130 7.99 7.87 14.85
C ARG A 130 7.77 7.55 16.33
N SER A 131 7.48 6.28 16.64
CA SER A 131 7.25 5.91 18.03
C SER A 131 8.51 6.01 18.87
N VAL A 132 8.35 6.47 20.12
CA VAL A 132 9.46 6.64 21.05
C VAL A 132 9.83 5.31 21.66
N THR A 133 11.10 4.92 21.50
CA THR A 133 11.60 3.66 22.05
C THR A 133 12.19 3.88 23.43
N SER A 134 11.72 3.08 24.39
CA SER A 134 12.21 3.15 25.76
C SER A 134 13.71 2.85 25.83
N SER A 135 14.42 3.65 26.62
CA SER A 135 15.86 3.46 26.86
C SER A 135 16.68 3.44 25.57
N SER A 136 16.29 4.28 24.61
CA SER A 136 17.00 4.39 23.34
C SER A 136 17.04 5.84 22.88
N LEU A 137 18.12 6.20 22.20
CA LEU A 137 18.27 7.50 21.57
C LEU A 137 17.57 7.53 20.21
N CYS A 138 17.12 6.36 19.76
CA CYS A 138 16.53 6.24 18.43
C CYS A 138 15.03 6.14 18.46
N VAL A 139 14.43 6.50 17.32
CA VAL A 139 12.99 6.66 17.17
C VAL A 139 12.50 5.75 16.03
N GLY A 140 11.32 5.15 16.20
CA GLY A 140 10.61 4.53 15.09
C GLY A 140 10.80 3.05 14.89
N VAL A 141 9.75 2.43 14.35
CA VAL A 141 9.74 1.01 14.01
C VAL A 141 9.47 0.86 12.51
N ASP A 142 10.08 -0.14 11.88
CA ASP A 142 9.75 -0.50 10.50
C ASP A 142 8.36 -1.14 10.50
N ALA A 143 7.37 -0.39 10.06
CA ALA A 143 5.98 -0.88 10.05
C ALA A 143 5.78 -2.10 9.15
N ASN A 144 6.67 -2.32 8.18
CA ASN A 144 6.61 -3.57 7.40
C ASN A 144 7.48 -4.70 7.93
N ARG A 145 7.87 -4.61 9.22
CA ARG A 145 8.46 -5.74 9.95
C ARG A 145 7.66 -6.03 11.24
N ASN A 146 6.52 -5.38 11.39
CA ASN A 146 5.76 -5.35 12.65
C ASN A 146 4.54 -6.27 12.66
N TRP A 147 4.29 -7.00 11.56
CA TRP A 147 3.07 -7.82 11.43
C TRP A 147 3.31 -9.22 12.02
N ASP A 148 2.21 -9.89 12.40
CA ASP A 148 2.32 -11.18 13.08
C ASP A 148 2.45 -12.32 12.07
N ALA A 149 3.60 -12.36 11.40
CA ALA A 149 3.92 -13.41 10.44
C ALA A 149 5.42 -13.58 10.46
N GLY A 150 5.88 -14.65 11.12
CA GLY A 150 7.31 -14.83 11.36
C GLY A 150 7.95 -13.67 12.11
N PHE A 151 7.17 -13.02 12.97
CA PHE A 151 7.64 -11.83 13.68
C PHE A 151 8.93 -12.12 14.44
N GLY A 152 9.92 -11.25 14.28
CA GLY A 152 11.17 -11.34 15.03
C GLY A 152 12.20 -12.29 14.45
N LYS A 153 11.85 -12.99 13.38
CA LYS A 153 12.78 -13.92 12.74
C LYS A 153 13.75 -13.20 11.80
N ALA A 154 14.70 -13.94 11.24
CA ALA A 154 15.65 -13.37 10.29
C ALA A 154 14.92 -12.59 9.21
N GLY A 155 15.48 -11.45 8.84
CA GLY A 155 14.81 -10.53 7.92
C GLY A 155 14.23 -9.31 8.60
N ALA A 156 14.63 -9.07 9.85
CA ALA A 156 14.25 -7.90 10.64
C ALA A 156 15.30 -7.72 11.74
N SER A 157 15.25 -6.60 12.45
CA SER A 157 16.25 -6.29 13.48
C SER A 157 15.62 -6.02 14.85
N SER A 158 16.29 -6.46 15.91
CA SER A 158 15.90 -6.11 17.28
C SER A 158 16.62 -4.86 17.80
N SER A 159 17.45 -4.25 16.95
CA SER A 159 18.16 -3.01 17.32
C SER A 159 17.27 -1.79 17.06
N PRO A 160 16.94 -1.01 18.10
CA PRO A 160 16.07 0.16 17.88
C PRO A 160 16.53 1.16 16.83
N CYS A 161 17.84 1.30 16.64
CA CYS A 161 18.38 2.25 15.66
C CYS A 161 18.40 1.71 14.23
N SER A 162 18.04 0.45 14.04
CA SER A 162 18.02 -0.13 12.70
C SER A 162 16.83 0.36 11.87
N GLU A 163 17.07 0.53 10.57
CA GLU A 163 16.00 0.81 9.61
C GLU A 163 14.94 -0.28 9.52
N THR A 164 15.30 -1.51 9.93
CA THR A 164 14.36 -2.63 9.90
C THR A 164 13.99 -3.13 11.30
N TYR A 165 14.10 -2.23 12.28
CA TYR A 165 13.69 -2.54 13.66
C TYR A 165 12.23 -3.02 13.69
N HIS A 166 11.98 -4.19 14.29
CA HIS A 166 10.63 -4.79 14.28
C HIS A 166 9.72 -4.32 15.43
N GLY A 167 10.24 -3.57 16.39
CA GLY A 167 9.46 -3.18 17.56
C GLY A 167 9.46 -4.26 18.63
N LYS A 168 8.78 -4.02 19.75
CA LYS A 168 8.89 -4.95 20.88
C LYS A 168 8.03 -6.21 20.75
N TYR A 169 6.96 -6.11 19.97
CA TYR A 169 6.02 -7.22 19.75
C TYR A 169 5.21 -6.93 18.50
N ALA A 170 4.65 -7.98 17.90
CA ALA A 170 3.84 -7.83 16.69
C ALA A 170 2.66 -6.90 16.95
N ASN A 171 2.39 -6.00 16.02
CA ASN A 171 1.30 -5.02 16.10
C ASN A 171 1.52 -3.96 17.19
N SER A 172 2.78 -3.77 17.61
CA SER A 172 3.10 -2.71 18.57
C SER A 172 2.78 -1.33 18.01
N GLU A 173 2.90 -1.17 16.69
CA GLU A 173 2.69 0.16 16.09
C GLU A 173 1.22 0.37 15.80
N VAL A 174 0.68 1.48 16.30
CA VAL A 174 -0.73 1.81 16.11
C VAL A 174 -1.11 1.89 14.62
N GLU A 175 -0.16 2.28 13.77
CA GLU A 175 -0.40 2.35 12.32
C GLU A 175 -0.69 0.98 11.73
N VAL A 176 -0.09 -0.05 12.33
CA VAL A 176 -0.28 -1.44 11.91
C VAL A 176 -1.54 -2.03 12.57
N LYS A 177 -1.65 -1.87 13.89
CA LYS A 177 -2.78 -2.39 14.63
C LYS A 177 -4.12 -1.83 14.09
N SER A 178 -4.11 -0.58 13.66
CA SER A 178 -5.32 0.04 13.11
C SER A 178 -5.80 -0.71 11.86
N ILE A 179 -4.86 -1.12 11.01
CA ILE A 179 -5.22 -1.86 9.79
C ILE A 179 -5.67 -3.28 10.14
N VAL A 180 -4.93 -3.94 11.02
CA VAL A 180 -5.30 -5.28 11.45
C VAL A 180 -6.73 -5.31 11.99
N ASP A 181 -7.04 -4.38 12.89
CA ASP A 181 -8.38 -4.32 13.49
C ASP A 181 -9.46 -4.07 12.43
N PHE A 182 -9.20 -3.14 11.51
CA PHE A 182 -10.17 -2.81 10.48
C PHE A 182 -10.47 -4.02 9.58
N VAL A 183 -9.41 -4.67 9.09
CA VAL A 183 -9.54 -5.80 8.19
C VAL A 183 -10.22 -7.00 8.87
N LYS A 184 -9.82 -7.29 10.11
CA LYS A 184 -10.41 -8.42 10.84
C LYS A 184 -11.86 -8.18 11.23
N ASP A 185 -12.18 -6.94 11.63
CA ASP A 185 -13.57 -6.60 11.97
C ASP A 185 -14.46 -6.66 10.72
N HIS A 186 -13.94 -6.22 9.58
CA HIS A 186 -14.68 -6.25 8.32
C HIS A 186 -15.00 -7.69 7.93
N GLY A 187 -13.97 -8.53 7.92
CA GLY A 187 -14.12 -9.96 7.72
C GLY A 187 -14.35 -10.45 6.30
N ASN A 188 -14.44 -9.53 5.35
CA ASN A 188 -14.77 -9.92 3.96
C ASN A 188 -13.81 -9.35 2.92
N PHE A 189 -12.56 -9.14 3.32
CA PHE A 189 -11.52 -8.75 2.36
C PHE A 189 -11.04 -9.95 1.53
N LYS A 190 -11.03 -9.77 0.21
CA LYS A 190 -10.62 -10.82 -0.74
C LYS A 190 -9.23 -10.59 -1.33
N ALA A 191 -8.78 -9.34 -1.32
CA ALA A 191 -7.43 -8.99 -1.78
C ALA A 191 -6.81 -7.99 -0.83
N PHE A 192 -5.50 -8.04 -0.70
CA PHE A 192 -4.74 -7.15 0.19
C PHE A 192 -3.48 -6.76 -0.56
N LEU A 193 -3.44 -5.49 -1.01
CA LEU A 193 -2.36 -4.99 -1.86
C LEU A 193 -1.62 -3.89 -1.12
N SER A 194 -0.31 -4.07 -0.95
CA SER A 194 0.51 -3.05 -0.30
C SER A 194 1.48 -2.49 -1.33
N ILE A 195 1.57 -1.16 -1.41
CA ILE A 195 2.36 -0.52 -2.45
C ILE A 195 3.58 0.17 -1.84
N HIS A 196 4.74 -0.22 -2.35
CA HIS A 196 6.04 0.34 -1.99
C HIS A 196 6.78 0.81 -3.25
N SER A 197 7.89 1.50 -3.03
CA SER A 197 8.95 1.62 -4.05
C SER A 197 10.31 1.40 -3.36
N TYR A 198 11.39 1.12 -4.11
CA TYR A 198 11.41 0.91 -5.57
C TYR A 198 12.02 -0.45 -5.87
N SER A 199 11.99 -0.83 -7.15
CA SER A 199 12.72 -1.95 -7.75
C SER A 199 11.99 -2.59 -8.94
N GLN A 200 10.73 -2.22 -9.16
CA GLN A 200 9.93 -2.78 -10.28
C GLN A 200 9.75 -4.28 -10.12
N LEU A 201 9.08 -4.64 -9.02
CA LEU A 201 8.76 -6.02 -8.67
C LEU A 201 7.30 -6.15 -8.28
N LEU A 202 6.73 -7.33 -8.54
CA LEU A 202 5.44 -7.69 -7.97
C LEU A 202 5.63 -8.97 -7.16
N LEU A 203 5.32 -8.89 -5.87
CA LEU A 203 5.70 -9.90 -4.90
C LEU A 203 4.49 -10.54 -4.26
N TYR A 204 4.58 -11.85 -4.06
CA TYR A 204 3.60 -12.59 -3.28
C TYR A 204 4.33 -13.31 -2.12
N PRO A 205 3.59 -13.87 -1.15
CA PRO A 205 4.26 -14.51 0.00
C PRO A 205 5.11 -15.75 -0.38
N TYR A 206 6.08 -16.13 0.44
CA TYR A 206 6.40 -15.51 1.71
C TYR A 206 7.73 -14.77 1.67
N GLY A 207 7.92 -13.87 2.65
CA GLY A 207 9.22 -13.27 2.92
C GLY A 207 9.99 -13.91 4.07
N TYR A 208 9.25 -14.50 5.02
CA TYR A 208 9.91 -15.03 6.22
C TYR A 208 10.44 -16.45 6.09
N THR A 209 9.96 -17.18 5.08
CA THR A 209 10.34 -18.58 4.86
C THR A 209 10.47 -18.89 3.37
N THR A 210 11.32 -19.86 3.06
CA THR A 210 11.49 -20.36 1.70
C THR A 210 10.38 -21.34 1.28
N GLN A 211 9.56 -21.76 2.25
CA GLN A 211 8.41 -22.63 1.97
C GLN A 211 7.47 -21.91 0.98
N SER A 212 7.09 -22.61 -0.09
CA SER A 212 6.15 -22.05 -1.06
C SER A 212 4.73 -22.06 -0.52
N ILE A 213 3.96 -21.02 -0.84
CA ILE A 213 2.56 -20.98 -0.48
C ILE A 213 1.75 -22.05 -1.23
N PRO A 214 0.69 -22.57 -0.60
CA PRO A 214 -0.11 -23.57 -1.31
C PRO A 214 -0.85 -23.04 -2.55
N ASP A 215 -1.00 -21.73 -2.66
CA ASP A 215 -1.63 -21.13 -3.86
C ASP A 215 -0.61 -20.57 -4.85
N LYS A 216 0.62 -21.11 -4.83
CA LYS A 216 1.70 -20.54 -5.62
C LYS A 216 1.40 -20.48 -7.12
N THR A 217 0.89 -21.56 -7.68
CA THR A 217 0.63 -21.59 -9.12
C THR A 217 -0.29 -20.44 -9.53
N GLU A 218 -1.41 -20.30 -8.81
CA GLU A 218 -2.39 -19.26 -9.12
C GLU A 218 -1.84 -17.85 -8.89
N LEU A 219 -1.23 -17.59 -7.73
CA LEU A 219 -0.74 -16.24 -7.46
C LEU A 219 0.38 -15.87 -8.40
N ASN A 220 1.22 -16.84 -8.75
CA ASN A 220 2.29 -16.60 -9.73
C ASN A 220 1.72 -16.21 -11.09
N GLN A 221 0.67 -16.90 -11.54
CA GLN A 221 0.02 -16.57 -12.80
C GLN A 221 -0.69 -15.20 -12.72
N VAL A 222 -1.36 -14.92 -11.61
CA VAL A 222 -1.96 -13.60 -11.43
C VAL A 222 -0.90 -12.49 -11.51
N ALA A 223 0.23 -12.69 -10.83
CA ALA A 223 1.31 -11.72 -10.86
C ALA A 223 1.88 -11.55 -12.27
N LYS A 224 2.10 -12.66 -12.97
CA LYS A 224 2.57 -12.62 -14.34
C LYS A 224 1.62 -11.80 -15.23
N SER A 225 0.32 -12.04 -15.09
CA SER A 225 -0.67 -11.30 -15.88
C SER A 225 -0.65 -9.81 -15.54
N ALA A 226 -0.53 -9.50 -14.26
CA ALA A 226 -0.53 -8.11 -13.82
C ALA A 226 0.69 -7.35 -14.33
N VAL A 227 1.87 -7.99 -14.29
CA VAL A 227 3.07 -7.30 -14.79
C VAL A 227 3.05 -7.17 -16.31
N ALA A 228 2.44 -8.12 -17.01
CA ALA A 228 2.29 -7.98 -18.46
C ALA A 228 1.35 -6.82 -18.82
N ALA A 229 0.27 -6.66 -18.07
CA ALA A 229 -0.65 -5.55 -18.29
C ALA A 229 0.09 -4.23 -18.02
N LEU A 230 0.82 -4.17 -16.93
CA LEU A 230 1.62 -2.99 -16.59
C LEU A 230 2.61 -2.65 -17.72
N LYS A 231 3.35 -3.66 -18.17
CA LYS A 231 4.38 -3.47 -19.20
C LYS A 231 3.76 -3.03 -20.54
N SER A 232 2.53 -3.45 -20.80
CA SER A 232 1.90 -3.13 -22.08
C SER A 232 1.87 -1.62 -22.38
N LEU A 233 1.77 -0.78 -21.34
CA LEU A 233 1.57 0.65 -21.58
C LEU A 233 2.81 1.36 -22.12
N TYR A 234 3.91 1.29 -21.39
CA TYR A 234 5.13 2.02 -21.72
C TYR A 234 6.37 1.14 -21.86
N GLY A 235 6.21 -0.17 -21.64
CA GLY A 235 7.31 -1.11 -21.75
C GLY A 235 8.15 -1.27 -20.48
N THR A 236 7.63 -0.80 -19.35
CA THR A 236 8.34 -0.91 -18.08
C THR A 236 8.41 -2.37 -17.63
N SER A 237 9.63 -2.84 -17.39
CA SER A 237 9.86 -4.26 -17.08
C SER A 237 9.85 -4.51 -15.58
N TYR A 238 9.02 -5.46 -15.16
CA TYR A 238 8.96 -5.92 -13.78
C TYR A 238 9.38 -7.38 -13.64
N LYS A 239 9.99 -7.71 -12.52
CA LYS A 239 10.15 -9.11 -12.11
C LYS A 239 9.04 -9.46 -11.12
N TYR A 240 8.77 -10.75 -10.96
CA TYR A 240 7.72 -11.20 -10.02
C TYR A 240 8.09 -12.54 -9.41
N GLY A 241 7.56 -12.80 -8.22
CA GLY A 241 7.87 -14.02 -7.48
C GLY A 241 7.62 -13.79 -6.01
N SER A 242 7.95 -14.78 -5.19
CA SER A 242 7.84 -14.62 -3.75
C SER A 242 8.80 -13.56 -3.23
N ILE A 243 8.45 -12.92 -2.12
CA ILE A 243 9.31 -11.93 -1.49
C ILE A 243 10.72 -12.48 -1.32
N ILE A 244 10.85 -13.66 -0.71
CA ILE A 244 12.17 -14.16 -0.35
C ILE A 244 13.05 -14.49 -1.56
N THR A 245 12.44 -14.94 -2.65
CA THR A 245 13.22 -15.30 -3.86
C THR A 245 13.48 -14.12 -4.79
N THR A 246 12.72 -13.04 -4.62
CA THR A 246 12.69 -11.96 -5.61
C THR A 246 13.30 -10.65 -5.11
N ILE A 247 13.18 -10.36 -3.80
CA ILE A 247 13.83 -9.17 -3.24
C ILE A 247 14.84 -9.55 -2.14
N TYR A 248 14.35 -10.13 -1.04
CA TYR A 248 15.17 -10.60 0.08
C TYR A 248 14.31 -11.22 1.15
N GLN A 249 14.94 -11.97 2.06
CA GLN A 249 14.26 -12.44 3.26
C GLN A 249 13.83 -11.24 4.11
N ALA A 250 12.58 -11.26 4.56
CA ALA A 250 12.01 -10.19 5.37
C ALA A 250 10.93 -10.80 6.24
N SER A 251 10.98 -10.51 7.54
CA SER A 251 10.03 -11.12 8.49
C SER A 251 9.06 -10.07 9.04
N GLY A 252 7.84 -10.49 9.35
CA GLY A 252 6.82 -9.58 9.86
C GLY A 252 6.25 -8.66 8.79
N GLY A 253 6.30 -9.11 7.54
CA GLY A 253 5.74 -8.32 6.42
C GLY A 253 4.24 -8.48 6.28
N SER A 254 3.58 -7.43 5.80
CA SER A 254 2.13 -7.37 5.86
C SER A 254 1.39 -8.42 5.01
N ILE A 255 1.88 -8.71 3.81
CA ILE A 255 1.19 -9.68 2.95
C ILE A 255 1.36 -11.13 3.44
N ASP A 256 2.41 -11.39 4.21
CA ASP A 256 2.56 -12.70 4.84
C ASP A 256 1.49 -12.86 5.90
N TRP A 257 1.24 -11.81 6.67
CA TRP A 257 0.14 -11.81 7.64
C TRP A 257 -1.22 -11.97 6.97
N SER A 258 -1.49 -11.15 5.94
CA SER A 258 -2.80 -11.15 5.30
C SER A 258 -3.11 -12.50 4.64
N TYR A 259 -2.10 -13.08 3.99
CA TYR A 259 -2.27 -14.40 3.37
C TYR A 259 -2.57 -15.47 4.43
N ASN A 260 -1.81 -15.44 5.52
CA ASN A 260 -2.03 -16.41 6.60
C ASN A 260 -3.38 -16.25 7.29
N GLN A 261 -3.96 -15.06 7.23
CA GLN A 261 -5.30 -14.82 7.76
C GLN A 261 -6.40 -15.32 6.83
N GLY A 262 -6.03 -15.68 5.59
CA GLY A 262 -6.98 -16.21 4.63
C GLY A 262 -7.26 -15.33 3.43
N ILE A 263 -6.56 -14.21 3.31
CA ILE A 263 -6.73 -13.34 2.14
C ILE A 263 -5.80 -13.85 1.03
N LYS A 264 -6.39 -14.59 0.09
CA LYS A 264 -5.59 -15.30 -0.91
C LYS A 264 -4.80 -14.35 -1.81
N TYR A 265 -5.45 -13.30 -2.31
CA TYR A 265 -4.82 -12.40 -3.25
C TYR A 265 -4.05 -11.30 -2.52
N SER A 266 -2.90 -11.67 -1.98
CA SER A 266 -2.06 -10.79 -1.18
C SER A 266 -0.76 -10.53 -1.94
N PHE A 267 -0.56 -9.27 -2.32
CA PHE A 267 0.58 -8.86 -3.16
C PHE A 267 1.19 -7.56 -2.70
N THR A 268 2.51 -7.43 -2.87
CA THR A 268 3.18 -6.15 -2.67
C THR A 268 3.84 -5.69 -3.97
N PHE A 269 3.53 -4.46 -4.41
CA PHE A 269 4.22 -3.83 -5.53
C PHE A 269 5.46 -3.07 -5.07
N GLU A 270 6.52 -3.16 -5.87
CA GLU A 270 7.66 -2.25 -5.78
C GLU A 270 7.69 -1.42 -7.06
N LEU A 271 7.34 -0.14 -6.97
CA LEU A 271 7.19 0.72 -8.15
C LEU A 271 8.53 1.17 -8.72
N ARG A 272 8.47 2.06 -9.72
CA ARG A 272 9.67 2.62 -10.37
C ARG A 272 10.59 3.31 -9.35
N ASP A 273 11.90 3.41 -9.63
CA ASP A 273 12.58 2.79 -10.77
C ASP A 273 13.36 1.56 -10.28
N THR A 274 14.53 1.27 -10.85
CA THR A 274 15.33 0.15 -10.34
C THR A 274 16.53 0.64 -9.52
N GLY A 275 16.69 1.95 -9.42
CA GLY A 275 17.80 2.52 -8.67
C GLY A 275 18.49 3.72 -9.28
N ARG A 276 18.19 4.06 -10.53
CA ARG A 276 18.80 5.24 -11.14
C ARG A 276 18.53 6.49 -10.28
N TYR A 277 17.25 6.72 -9.95
CA TYR A 277 16.85 7.82 -9.08
C TYR A 277 16.31 7.33 -7.73
N GLY A 278 15.90 6.06 -7.67
CA GLY A 278 15.52 5.44 -6.41
C GLY A 278 14.35 6.12 -5.72
N PHE A 279 14.53 6.49 -4.46
CA PHE A 279 13.46 7.13 -3.70
C PHE A 279 13.13 8.53 -4.22
N LEU A 280 14.12 9.13 -4.88
CA LEU A 280 14.01 10.49 -5.43
C LEU A 280 13.56 10.50 -6.89
N LEU A 281 12.70 9.55 -7.24
CA LEU A 281 12.07 9.51 -8.55
C LEU A 281 11.42 10.86 -8.83
N PRO A 282 11.70 11.44 -10.02
CA PRO A 282 11.18 12.79 -10.28
C PRO A 282 9.66 12.84 -10.44
N ALA A 283 9.10 14.01 -10.14
CA ALA A 283 7.66 14.23 -10.28
C ALA A 283 7.18 13.98 -11.71
N SER A 284 8.08 14.19 -12.67
CA SER A 284 7.74 13.98 -14.07
C SER A 284 7.42 12.52 -14.40
N GLN A 285 7.71 11.61 -13.46
CA GLN A 285 7.35 10.20 -13.65
C GLN A 285 6.11 9.76 -12.85
N ILE A 286 5.49 10.67 -12.09
CA ILE A 286 4.33 10.27 -11.29
C ILE A 286 3.19 9.73 -12.15
N ILE A 287 2.77 10.51 -13.13
CA ILE A 287 1.61 10.11 -13.92
C ILE A 287 1.85 8.81 -14.73
N PRO A 288 2.96 8.69 -15.48
CA PRO A 288 3.16 7.42 -16.16
C PRO A 288 3.30 6.21 -15.22
N THR A 289 3.95 6.39 -14.08
CA THR A 289 4.02 5.31 -13.07
C THR A 289 2.61 4.93 -12.60
N ALA A 290 1.79 5.92 -12.26
CA ALA A 290 0.44 5.64 -11.79
C ALA A 290 -0.40 4.95 -12.86
N GLN A 291 -0.31 5.43 -14.10
CA GLN A 291 -1.06 4.86 -15.22
C GLN A 291 -0.75 3.38 -15.43
N GLU A 292 0.53 3.03 -15.51
CA GLU A 292 0.90 1.63 -15.76
C GLU A 292 0.59 0.73 -14.55
N THR A 293 0.82 1.26 -13.35
CA THR A 293 0.54 0.51 -12.13
C THR A 293 -0.95 0.21 -12.01
N TRP A 294 -1.78 1.19 -12.38
CA TRP A 294 -3.22 0.97 -12.41
C TRP A 294 -3.62 -0.26 -13.23
N LEU A 295 -3.01 -0.43 -14.41
CA LEU A 295 -3.32 -1.59 -15.22
C LEU A 295 -2.99 -2.91 -14.49
N GLY A 296 -1.88 -2.93 -13.75
CA GLY A 296 -1.51 -4.09 -12.96
C GLY A 296 -2.51 -4.36 -11.84
N VAL A 297 -2.87 -3.30 -11.12
CA VAL A 297 -3.80 -3.42 -10.01
C VAL A 297 -5.19 -3.85 -10.48
N LEU A 298 -5.68 -3.22 -11.55
CA LEU A 298 -6.95 -3.61 -12.14
C LEU A 298 -6.96 -5.10 -12.55
N THR A 299 -5.85 -5.59 -13.10
CA THR A 299 -5.73 -7.00 -13.48
C THR A 299 -5.92 -7.91 -12.25
N ILE A 300 -5.27 -7.57 -11.14
CA ILE A 300 -5.45 -8.34 -9.90
C ILE A 300 -6.91 -8.30 -9.44
N MET A 301 -7.53 -7.12 -9.49
CA MET A 301 -8.94 -6.99 -9.10
C MET A 301 -9.87 -7.85 -9.96
N GLU A 302 -9.58 -7.90 -11.26
CA GLU A 302 -10.37 -8.72 -12.19
C GLU A 302 -10.30 -10.20 -11.83
N HIS A 303 -9.14 -10.66 -11.37
CA HIS A 303 -8.99 -12.05 -10.92
C HIS A 303 -9.73 -12.31 -9.61
N THR A 304 -9.89 -11.26 -8.81
CA THR A 304 -10.56 -11.37 -7.50
C THR A 304 -12.08 -11.44 -7.64
N VAL A 305 -12.63 -10.66 -8.56
CA VAL A 305 -14.08 -10.60 -8.79
C VAL A 305 -14.58 -11.85 -9.52
#